data_4HGM
#
_entry.id   4HGM
#
_cell.length_a   131.335
_cell.length_b   131.335
_cell.length_c   74.519
_cell.angle_alpha   90.00
_cell.angle_beta   90.00
_cell.angle_gamma   120.00
#
_symmetry.space_group_name_H-M   'P 31 2 1'
#
loop_
_entity.id
_entity.type
_entity.pdbx_description
1 polymer 'Shark V-NAR'
2 polymer 'Serum albumin'
3 non-polymer 1,2-ETHANEDIOL
4 non-polymer 'ACETYL GROUP'
5 water water
#
loop_
_entity_poly.entity_id
_entity_poly.type
_entity_poly.pdbx_seq_one_letter_code
_entity_poly.pdbx_strand_id
1 'polypeptide(L)'
;TRVDQSPSSLSASVGDRVTITCVLTDTSYPLYSTYWYQQKPGSSNKEQISISGRYSESVNKGTKSFTLTISSLQPEDFAT
YYCRAMGTNIWTGDGAGTKVEIKAAAHHHHHH
;
A
2 'polypeptide(L)'
;DAHKSEVAHRFKDLGEENFKALVLIAFAQYLQQCPFEDHVKLVNEVTEFAKTCVADESAENCDKSLHTLFGDKLCTVATL
RETYGEMADCCAKQEPERNECFLQHKDDNPNLPRLVRPEVDVMCTAFHDNEETFLKKYLYEIARRHPYFYAPELLFFAKR
YKAAFTECCQAADKAACLLPKLDELRDEGKASSAKQRLKCASLQKFGERAFKAWAVARLSQRFPKAEFAEVSKLVTDLTK
VHTECCHGDLLECADDRADLAKYICENQDSISSKLKECCEKPLLEKSHCIAEVENDEMPADLPSLAADFVESKDVCKNYA
EAKDVFLGMFLYEYARRHPDYSVVLLLRLAKTYETTLEKCCAAADPHECYAKVFDEFKPLVEEPQNLIKQNCELFEQLGE
YKFQNALLVRYTKKVPQVSTPTLVEVSRNLGKVGSKCCKHPEAKRMPCAEDYLSVVLNQLCVLHEKTPVSDRVTKCCTES
LVNRRPCFSALEVDETYVPKEFNAETFTFHADICTLSEKERQIKKQTALVELVKHKPKATKEQLKAVMDDFAAFVEKCCK
ADDKETCFAEEGKKLVAASQAALGL
;
B
#
# COMPACT_ATOMS: atom_id res chain seq x y z
N THR A 1 -3.37 -3.23 17.59
CA THR A 1 -2.32 -4.20 17.89
C THR A 1 -0.95 -3.53 17.96
N ARG A 2 -0.16 -3.96 18.92
CA ARG A 2 1.14 -3.35 19.17
C ARG A 2 1.89 -4.26 20.14
N VAL A 3 3.18 -4.00 20.29
CA VAL A 3 4.02 -4.77 21.18
C VAL A 3 4.55 -3.85 22.29
N ASP A 4 4.26 -4.20 23.54
CA ASP A 4 4.78 -3.43 24.67
C ASP A 4 6.08 -4.03 25.19
N GLN A 5 7.16 -3.27 25.12
CA GLN A 5 8.47 -3.75 25.55
C GLN A 5 8.94 -3.02 26.80
N SER A 6 9.35 -3.78 27.80
CA SER A 6 9.84 -3.22 29.05
C SER A 6 11.00 -4.02 29.62
N PRO A 7 11.93 -3.35 30.33
CA PRO A 7 11.91 -1.90 30.56
C PRO A 7 12.44 -1.12 29.36
N SER A 8 12.33 0.21 29.40
CA SER A 8 12.77 1.04 28.28
C SER A 8 14.29 1.25 28.35
N SER A 9 14.85 1.09 29.53
CA SER A 9 16.27 1.30 29.75
C SER A 9 16.69 0.53 30.99
N LEU A 10 17.97 0.17 31.05
CA LEU A 10 18.51 -0.68 32.11
C LEU A 10 19.96 -0.33 32.38
N SER A 11 20.40 -0.47 33.62
CA SER A 11 21.80 -0.32 33.97
C SER A 11 22.29 -1.57 34.70
N ALA A 12 23.45 -2.07 34.28
CA ALA A 12 23.97 -3.29 34.87
C ALA A 12 25.48 -3.36 34.73
N SER A 13 26.10 -4.21 35.53
CA SER A 13 27.54 -4.41 35.48
C SER A 13 27.85 -5.63 34.64
N VAL A 14 29.13 -5.83 34.36
CA VAL A 14 29.57 -7.05 33.70
C VAL A 14 29.36 -8.22 34.65
N GLY A 15 28.74 -9.29 34.15
CA GLY A 15 28.45 -10.46 34.96
C GLY A 15 27.01 -10.52 35.47
N ASP A 16 26.28 -9.43 35.30
CA ASP A 16 24.87 -9.39 35.72
C ASP A 16 23.95 -10.20 34.82
N ARG A 17 22.78 -10.54 35.36
CA ARG A 17 21.77 -11.26 34.62
C ARG A 17 20.61 -10.30 34.40
N VAL A 18 20.20 -10.14 33.15
CA VAL A 18 19.26 -9.10 32.80
C VAL A 18 18.10 -9.64 31.96
N THR A 19 16.91 -9.09 32.19
CA THR A 19 15.71 -9.59 31.52
C THR A 19 14.92 -8.50 30.83
N ILE A 20 14.46 -8.79 29.62
CA ILE A 20 13.59 -7.90 28.88
C ILE A 20 12.29 -8.61 28.55
N THR A 21 11.17 -7.93 28.74
CA THR A 21 9.87 -8.53 28.51
C THR A 21 9.07 -7.79 27.45
N CYS A 22 8.41 -8.54 26.59
CA CYS A 22 7.56 -7.98 25.56
C CYS A 22 6.20 -8.65 25.58
N VAL A 23 5.15 -7.86 25.39
CA VAL A 23 3.80 -8.38 25.32
C VAL A 23 3.10 -7.95 24.03
N LEU A 24 2.58 -8.92 23.29
CA LEU A 24 1.75 -8.60 22.14
C LEU A 24 0.34 -8.22 22.63
N THR A 25 -0.04 -6.96 22.47
CA THR A 25 -1.29 -6.47 23.05
C THR A 25 -2.33 -5.97 22.04
N ASP A 26 -3.58 -5.93 22.50
CA ASP A 26 -4.70 -5.40 21.71
C ASP A 26 -4.89 -6.09 20.37
N THR A 27 -4.88 -7.42 20.41
CA THR A 27 -5.14 -8.20 19.21
C THR A 27 -5.86 -9.47 19.65
N SER A 28 -6.69 -10.01 18.78
CA SER A 28 -7.43 -11.22 19.08
C SER A 28 -6.74 -12.45 18.48
N TYR A 29 -5.62 -12.23 17.81
CA TYR A 29 -4.87 -13.34 17.22
C TYR A 29 -3.74 -13.75 18.12
N PRO A 30 -3.54 -15.07 18.26
CA PRO A 30 -2.50 -15.63 19.13
C PRO A 30 -1.08 -15.34 18.62
N LEU A 31 -0.13 -15.32 19.55
CA LEU A 31 1.26 -15.13 19.26
C LEU A 31 1.80 -16.36 18.56
N TYR A 32 2.50 -16.17 17.45
CA TYR A 32 3.09 -17.29 16.71
C TYR A 32 4.60 -17.38 16.87
N SER A 33 5.31 -16.30 16.59
CA SER A 33 6.76 -16.30 16.73
C SER A 33 7.29 -14.96 17.19
N THR A 34 8.58 -14.95 17.53
CA THR A 34 9.25 -13.78 18.10
C THR A 34 10.66 -13.65 17.54
N TYR A 35 11.21 -12.45 17.59
CA TYR A 35 12.56 -12.19 17.08
C TYR A 35 13.16 -11.07 17.92
N TRP A 36 14.48 -11.12 18.08
CA TRP A 36 15.20 -10.09 18.83
C TRP A 36 16.32 -9.50 18.01
N TYR A 37 16.53 -8.19 18.19
CA TYR A 37 17.54 -7.46 17.44
C TYR A 37 18.38 -6.58 18.34
N GLN A 38 19.63 -6.38 17.93
CA GLN A 38 20.59 -5.60 18.68
C GLN A 38 20.94 -4.38 17.82
N GLN A 39 20.90 -3.21 18.42
CA GLN A 39 21.37 -2.00 17.77
C GLN A 39 22.57 -1.52 18.57
N LYS A 40 23.77 -1.66 17.98
CA LYS A 40 24.99 -1.29 18.68
C LYS A 40 25.12 0.23 18.82
N PRO A 41 25.78 0.68 19.90
CA PRO A 41 26.02 2.12 20.11
C PRO A 41 26.60 2.75 18.84
N GLY A 42 25.87 3.69 18.28
CA GLY A 42 26.11 4.18 16.94
C GLY A 42 24.74 4.26 16.29
N SER A 43 24.09 3.10 16.15
CA SER A 43 22.65 3.02 15.97
C SER A 43 22.14 3.18 14.53
N SER A 44 23.02 3.03 13.56
CA SER A 44 22.62 3.19 12.17
C SER A 44 21.85 1.98 11.64
N ASN A 45 21.84 0.89 12.40
CA ASN A 45 21.22 -0.36 11.95
C ASN A 45 21.03 -1.38 13.07
N LYS A 46 20.09 -2.30 12.87
CA LYS A 46 19.89 -3.38 13.81
C LYS A 46 20.28 -4.71 13.18
N GLU A 47 20.78 -5.62 14.00
CA GLU A 47 21.06 -6.99 13.55
C GLU A 47 20.37 -8.03 14.41
N GLN A 48 19.77 -9.01 13.76
CA GLN A 48 19.07 -10.08 14.45
C GLN A 48 20.04 -10.89 15.31
N ILE A 49 19.61 -11.22 16.52
CA ILE A 49 20.46 -12.05 17.38
C ILE A 49 19.95 -13.48 17.44
N SER A 50 20.87 -14.40 17.73
CA SER A 50 20.54 -15.82 17.88
C SER A 50 20.28 -16.11 19.35
N ILE A 51 19.22 -16.85 19.64
CA ILE A 51 18.94 -17.22 21.01
C ILE A 51 19.75 -18.47 21.35
N SER A 52 20.97 -18.26 21.82
CA SER A 52 21.87 -19.34 22.20
C SER A 52 22.93 -18.80 23.14
N GLY A 53 23.58 -19.69 23.88
CA GLY A 53 24.65 -19.30 24.78
C GLY A 53 24.12 -18.59 26.01
N ARG A 54 24.60 -17.37 26.23
CA ARG A 54 24.16 -16.57 27.37
C ARG A 54 22.76 -15.97 27.19
N TYR A 55 22.23 -16.07 25.96
CA TYR A 55 20.91 -15.54 25.64
C TYR A 55 19.81 -16.60 25.73
N SER A 56 18.78 -16.32 26.51
CA SER A 56 17.64 -17.21 26.67
C SER A 56 16.33 -16.53 26.30
N GLU A 57 15.37 -17.32 25.84
CA GLU A 57 14.04 -16.81 25.59
C GLU A 57 12.95 -17.72 26.16
N SER A 58 12.03 -17.13 26.90
CA SER A 58 10.86 -17.83 27.37
C SER A 58 9.61 -17.28 26.71
N VAL A 59 8.77 -18.17 26.16
CA VAL A 59 7.55 -17.72 25.50
C VAL A 59 6.30 -18.28 26.18
N ASN A 60 5.36 -17.40 26.48
CA ASN A 60 4.07 -17.81 27.05
C ASN A 60 2.91 -17.41 26.13
N LYS A 61 2.45 -18.37 25.33
CA LYS A 61 1.43 -18.10 24.34
C LYS A 61 0.10 -17.65 24.95
N GLY A 62 -0.12 -18.02 26.21
CA GLY A 62 -1.37 -17.69 26.89
C GLY A 62 -1.50 -16.20 27.17
N THR A 63 -0.39 -15.60 27.60
CA THR A 63 -0.37 -14.16 27.84
C THR A 63 0.23 -13.38 26.66
N LYS A 64 0.54 -14.09 25.58
CA LYS A 64 1.20 -13.48 24.42
C LYS A 64 2.42 -12.68 24.86
N SER A 65 3.07 -13.17 25.91
CA SER A 65 4.20 -12.49 26.50
C SER A 65 5.49 -13.28 26.22
N PHE A 66 6.59 -12.57 26.05
CA PHE A 66 7.88 -13.23 25.87
C PHE A 66 9.05 -12.45 26.46
N THR A 67 10.08 -13.18 26.84
CA THR A 67 11.18 -12.61 27.60
C THR A 67 12.55 -12.99 27.04
N LEU A 68 13.45 -12.03 27.01
CA LEU A 68 14.83 -12.30 26.66
C LEU A 68 15.69 -12.12 27.91
N THR A 69 16.47 -13.14 28.24
CA THR A 69 17.37 -13.06 29.37
C THR A 69 18.83 -13.15 28.90
N ILE A 70 19.65 -12.20 29.34
CA ILE A 70 21.08 -12.27 29.12
C ILE A 70 21.71 -12.59 30.46
N SER A 71 22.36 -13.74 30.54
CA SER A 71 22.72 -14.32 31.84
C SER A 71 23.99 -13.77 32.49
N SER A 72 25.03 -13.55 31.70
CA SER A 72 26.27 -12.99 32.24
C SER A 72 26.79 -11.93 31.30
N LEU A 73 26.44 -10.69 31.59
CA LEU A 73 26.74 -9.58 30.70
C LEU A 73 28.20 -9.46 30.38
N GLN A 74 28.47 -9.20 29.10
CA GLN A 74 29.81 -8.96 28.63
C GLN A 74 29.80 -7.61 27.93
N PRO A 75 30.96 -6.94 27.85
CA PRO A 75 31.04 -5.59 27.29
C PRO A 75 30.32 -5.40 25.95
N GLU A 76 30.28 -6.43 25.11
CA GLU A 76 29.65 -6.31 23.80
C GLU A 76 28.13 -6.35 23.88
N ASP A 77 27.60 -6.68 25.06
CA ASP A 77 26.15 -6.78 25.26
C ASP A 77 25.48 -5.42 25.37
N PHE A 78 26.22 -4.43 25.85
CA PHE A 78 25.63 -3.12 26.08
C PHE A 78 25.24 -2.46 24.78
N ALA A 79 23.94 -2.30 24.59
CA ALA A 79 23.38 -1.87 23.32
C ALA A 79 21.88 -1.72 23.47
N THR A 80 21.20 -1.45 22.37
CA THR A 80 19.75 -1.31 22.39
C THR A 80 19.14 -2.56 21.78
N TYR A 81 18.16 -3.13 22.47
CA TYR A 81 17.51 -4.37 22.04
C TYR A 81 16.04 -4.16 21.65
N TYR A 82 15.65 -4.70 20.50
CA TYR A 82 14.27 -4.61 20.03
C TYR A 82 13.65 -5.99 19.87
N CYS A 83 12.46 -6.17 20.42
CA CYS A 83 11.69 -7.39 20.18
C CYS A 83 10.74 -7.17 19.03
N ARG A 84 10.39 -8.26 18.36
CA ARG A 84 9.41 -8.25 17.28
C ARG A 84 8.53 -9.47 17.44
N ALA A 85 7.23 -9.29 17.26
CA ALA A 85 6.27 -10.38 17.41
C ALA A 85 5.49 -10.58 16.12
N MET A 86 5.19 -11.83 15.81
CA MET A 86 4.34 -12.15 14.67
C MET A 86 3.14 -12.96 15.16
N GLY A 87 1.94 -12.53 14.80
CA GLY A 87 0.75 -13.30 15.08
C GLY A 87 0.53 -14.38 14.05
N THR A 88 -0.35 -15.33 14.37
CA THR A 88 -0.63 -16.42 13.44
C THR A 88 -1.29 -15.88 12.17
N ASN A 89 -1.77 -14.63 12.24
CA ASN A 89 -2.31 -13.96 11.06
C ASN A 89 -1.28 -13.12 10.29
N ILE A 90 -0.01 -13.25 10.67
CA ILE A 90 1.07 -12.55 9.98
C ILE A 90 1.21 -11.06 10.35
N TRP A 91 0.38 -10.60 11.29
CA TRP A 91 0.60 -9.28 11.86
C TRP A 91 1.98 -9.28 12.53
N THR A 92 2.79 -8.28 12.20
CA THR A 92 4.16 -8.23 12.68
C THR A 92 4.46 -6.81 13.15
N GLY A 93 5.05 -6.69 14.33
CA GLY A 93 5.34 -5.37 14.91
C GLY A 93 6.47 -5.42 15.93
N ASP A 94 7.02 -4.25 16.24
CA ASP A 94 8.22 -4.16 17.06
C ASP A 94 7.99 -3.41 18.35
N GLY A 95 8.67 -3.83 19.41
CA GLY A 95 8.67 -3.09 20.66
C GLY A 95 9.47 -1.82 20.51
N ALA A 96 9.25 -0.87 21.41
CA ALA A 96 9.91 0.43 21.33
C ALA A 96 11.41 0.42 21.73
N GLY A 97 11.88 -0.67 22.33
CA GLY A 97 13.31 -0.83 22.57
C GLY A 97 13.76 -0.76 24.01
N THR A 98 14.90 -1.39 24.31
CA THR A 98 15.51 -1.33 25.64
C THR A 98 16.97 -0.91 25.53
N LYS A 99 17.33 0.20 26.19
CA LYS A 99 18.74 0.58 26.26
C LYS A 99 19.38 -0.14 27.44
N VAL A 100 20.33 -1.03 27.14
CA VAL A 100 21.08 -1.73 28.16
C VAL A 100 22.42 -1.01 28.33
N GLU A 101 22.59 -0.36 29.47
CA GLU A 101 23.74 0.51 29.70
C GLU A 101 24.54 0.05 30.91
N ILE A 102 25.85 0.26 30.88
CA ILE A 102 26.72 -0.16 31.97
C ILE A 102 26.69 0.83 33.11
N LYS A 103 26.70 0.31 34.34
CA LYS A 103 26.72 1.16 35.53
C LYS A 103 28.05 1.90 35.67
N LYS B 4 -3.37 13.04 23.79
CA LYS B 4 -4.13 14.13 24.42
C LYS B 4 -5.01 14.83 23.39
N SER B 5 -4.44 15.76 22.65
CA SER B 5 -5.16 16.37 21.55
C SER B 5 -4.72 15.73 20.24
N GLU B 6 -5.67 15.07 19.57
CA GLU B 6 -5.36 14.41 18.32
C GLU B 6 -5.06 15.42 17.19
N VAL B 7 -5.86 16.48 17.08
CA VAL B 7 -5.59 17.51 16.09
C VAL B 7 -4.26 18.19 16.31
N ALA B 8 -3.96 18.47 17.58
CA ALA B 8 -2.70 19.11 17.93
C ALA B 8 -1.53 18.23 17.51
N HIS B 9 -1.65 16.95 17.84
CA HIS B 9 -0.64 15.96 17.48
C HIS B 9 -0.35 15.92 15.98
N ARG B 10 -1.40 15.78 15.16
CA ARG B 10 -1.22 15.71 13.73
C ARG B 10 -0.73 17.04 13.14
N PHE B 11 -1.28 18.14 13.63
CA PHE B 11 -0.86 19.46 13.16
C PHE B 11 0.64 19.62 13.35
N LYS B 12 1.12 19.29 14.55
CA LYS B 12 2.55 19.41 14.85
C LYS B 12 3.40 18.35 14.13
N ASP B 13 2.82 17.19 13.83
CA ASP B 13 3.53 16.14 13.09
C ASP B 13 3.65 16.48 11.60
N LEU B 14 2.60 17.06 11.05
CA LEU B 14 2.50 17.25 9.62
C LEU B 14 2.98 18.61 9.16
N GLY B 15 2.80 19.62 10.01
CA GLY B 15 3.13 20.98 9.64
C GLY B 15 1.92 21.63 9.02
N GLU B 16 1.84 22.96 9.13
CA GLU B 16 0.65 23.68 8.70
C GLU B 16 0.33 23.50 7.22
N GLU B 17 1.35 23.60 6.38
CA GLU B 17 1.11 23.55 4.93
C GLU B 17 0.51 22.21 4.50
N ASN B 18 1.10 21.10 4.97
CA ASN B 18 0.56 19.78 4.67
C ASN B 18 -0.75 19.47 5.41
N PHE B 19 -0.88 19.98 6.62
CA PHE B 19 -2.13 19.85 7.36
C PHE B 19 -3.29 20.45 6.56
N LYS B 20 -3.13 21.70 6.11
CA LYS B 20 -4.18 22.40 5.37
C LYS B 20 -4.54 21.65 4.09
N ALA B 21 -3.51 21.25 3.36
CA ALA B 21 -3.67 20.51 2.12
C ALA B 21 -4.43 19.18 2.30
N LEU B 22 -4.07 18.41 3.33
CA LEU B 22 -4.71 17.13 3.57
C LEU B 22 -6.17 17.32 3.98
N VAL B 23 -6.44 18.38 4.73
CA VAL B 23 -7.80 18.67 5.16
C VAL B 23 -8.68 19.06 3.96
N LEU B 24 -8.12 19.88 3.06
CA LEU B 24 -8.81 20.23 1.83
C LEU B 24 -9.18 18.99 1.01
N ILE B 25 -8.24 18.05 0.93
CA ILE B 25 -8.48 16.80 0.23
C ILE B 25 -9.59 15.99 0.89
N ALA B 26 -9.50 15.83 2.22
CA ALA B 26 -10.55 15.13 2.96
C ALA B 26 -11.92 15.70 2.62
N PHE B 27 -12.04 17.01 2.71
CA PHE B 27 -13.32 17.68 2.49
C PHE B 27 -13.78 17.55 1.04
N ALA B 28 -12.85 17.71 0.10
CA ALA B 28 -13.16 17.62 -1.32
C ALA B 28 -13.60 16.22 -1.72
N GLN B 29 -13.06 15.20 -1.04
CA GLN B 29 -13.38 13.83 -1.41
C GLN B 29 -14.73 13.40 -0.86
N TYR B 30 -15.16 14.03 0.22
CA TYR B 30 -16.49 13.76 0.77
C TYR B 30 -17.55 14.62 0.08
N LEU B 31 -17.34 15.93 0.09
CA LEU B 31 -18.28 16.86 -0.52
C LEU B 31 -17.79 17.29 -1.89
N GLN B 32 -17.92 16.40 -2.86
CA GLN B 32 -17.34 16.57 -4.18
C GLN B 32 -18.01 17.67 -5.01
N GLN B 33 -19.27 17.98 -4.68
CA GLN B 33 -20.04 18.94 -5.46
C GLN B 33 -20.04 20.36 -4.89
N CYS B 34 -19.41 20.55 -3.74
CA CYS B 34 -19.32 21.89 -3.16
C CYS B 34 -18.23 22.71 -3.85
N PRO B 35 -18.55 23.97 -4.16
CA PRO B 35 -17.61 24.89 -4.80
C PRO B 35 -16.35 25.14 -3.98
N PHE B 36 -15.24 25.33 -4.68
CA PHE B 36 -13.94 25.58 -4.08
C PHE B 36 -13.98 26.55 -2.91
N GLU B 37 -14.70 27.65 -3.06
CA GLU B 37 -14.72 28.71 -2.06
C GLU B 37 -15.31 28.25 -0.71
N ASP B 38 -16.24 27.31 -0.75
CA ASP B 38 -16.79 26.72 0.46
C ASP B 38 -15.72 25.94 1.24
N HIS B 39 -15.04 25.02 0.55
CA HIS B 39 -14.01 24.22 1.19
C HIS B 39 -12.93 25.09 1.81
N VAL B 40 -12.51 26.12 1.10
CA VAL B 40 -11.49 27.02 1.63
C VAL B 40 -11.88 27.55 3.01
N LYS B 41 -13.12 27.98 3.16
CA LYS B 41 -13.59 28.51 4.45
C LYS B 41 -13.50 27.44 5.55
N LEU B 42 -14.12 26.28 5.32
CA LEU B 42 -14.10 25.20 6.29
C LEU B 42 -12.66 24.86 6.69
N VAL B 43 -11.79 24.69 5.68
CA VAL B 43 -10.38 24.38 5.93
C VAL B 43 -9.77 25.39 6.89
N ASN B 44 -9.91 26.66 6.55
CA ASN B 44 -9.36 27.73 7.37
C ASN B 44 -9.89 27.73 8.80
N GLU B 45 -11.20 27.55 8.93
CA GLU B 45 -11.80 27.44 10.25
C GLU B 45 -11.17 26.30 11.03
N VAL B 46 -11.13 25.11 10.44
CA VAL B 46 -10.54 23.94 11.07
C VAL B 46 -9.07 24.17 11.45
N THR B 47 -8.32 24.78 10.55
CA THR B 47 -6.91 25.03 10.78
C THR B 47 -6.74 25.99 11.94
N GLU B 48 -7.55 27.05 11.93
CA GLU B 48 -7.61 27.99 13.03
C GLU B 48 -7.77 27.26 14.35
N PHE B 49 -8.84 26.48 14.46
CA PHE B 49 -9.08 25.70 15.66
C PHE B 49 -7.85 24.89 16.07
N ALA B 50 -7.25 24.21 15.11
CA ALA B 50 -6.08 23.38 15.37
C ALA B 50 -4.94 24.17 16.00
N LYS B 51 -4.76 25.41 15.56
CA LYS B 51 -3.67 26.24 16.08
C LYS B 51 -3.81 26.56 17.56
N THR B 52 -5.05 26.71 18.03
CA THR B 52 -5.27 26.92 19.45
C THR B 52 -4.84 25.68 20.24
N CYS B 53 -5.31 24.51 19.80
CA CYS B 53 -4.99 23.24 20.47
C CYS B 53 -3.49 23.03 20.58
N VAL B 54 -2.75 23.53 19.60
CA VAL B 54 -1.30 23.39 19.63
C VAL B 54 -0.69 24.21 20.76
N ALA B 55 -1.28 25.37 21.01
CA ALA B 55 -0.78 26.29 22.05
C ALA B 55 -1.24 25.85 23.43
N ASP B 56 -2.48 25.40 23.51
CA ASP B 56 -3.04 24.93 24.78
C ASP B 56 -3.84 23.65 24.57
N GLU B 57 -3.21 22.52 24.84
CA GLU B 57 -3.83 21.23 24.57
C GLU B 57 -5.08 20.98 25.41
N SER B 58 -5.25 21.80 26.45
CA SER B 58 -6.39 21.64 27.36
C SER B 58 -7.63 22.37 26.87
N ALA B 59 -7.46 23.27 25.89
CA ALA B 59 -8.56 24.09 25.40
C ALA B 59 -9.80 23.27 25.06
N GLU B 60 -10.96 23.92 25.09
CA GLU B 60 -12.23 23.24 24.90
C GLU B 60 -12.36 22.63 23.50
N ASN B 61 -12.90 21.41 23.46
CA ASN B 61 -13.10 20.68 22.19
C ASN B 61 -11.83 20.11 21.58
N CYS B 62 -10.69 20.35 22.21
CA CYS B 62 -9.40 19.89 21.66
C CYS B 62 -9.15 18.40 21.87
N ASP B 63 -10.01 17.75 22.66
CA ASP B 63 -9.84 16.33 22.96
C ASP B 63 -10.82 15.48 22.17
N LYS B 64 -11.43 16.09 21.17
CA LYS B 64 -12.39 15.38 20.32
C LYS B 64 -11.68 14.63 19.20
N SER B 65 -12.30 13.56 18.73
CA SER B 65 -11.73 12.77 17.64
C SER B 65 -11.80 13.57 16.34
N LEU B 66 -10.88 13.29 15.43
CA LEU B 66 -10.81 13.99 14.15
C LEU B 66 -12.13 13.91 13.38
N HIS B 67 -12.74 12.74 13.39
CA HIS B 67 -14.00 12.53 12.68
C HIS B 67 -15.15 13.35 13.27
N THR B 68 -15.13 13.52 14.58
CA THR B 68 -16.14 14.37 15.22
C THR B 68 -15.92 15.82 14.79
N LEU B 69 -14.70 16.31 14.94
CA LEU B 69 -14.36 17.67 14.55
C LEU B 69 -14.69 17.94 13.08
N PHE B 70 -14.12 17.13 12.19
CA PHE B 70 -14.27 17.38 10.75
C PHE B 70 -15.67 17.06 10.27
N GLY B 71 -16.24 15.97 10.76
CA GLY B 71 -17.61 15.62 10.44
C GLY B 71 -18.56 16.73 10.84
N ASP B 72 -18.24 17.40 11.95
CA ASP B 72 -19.08 18.50 12.43
C ASP B 72 -18.93 19.73 11.52
N LYS B 73 -17.74 19.92 10.98
CA LYS B 73 -17.49 21.04 10.07
C LYS B 73 -18.19 20.81 8.74
N LEU B 74 -18.02 19.61 8.19
CA LEU B 74 -18.68 19.27 6.92
C LEU B 74 -20.19 19.41 6.99
N CYS B 75 -20.77 19.03 8.11
CA CYS B 75 -22.23 19.00 8.22
C CYS B 75 -22.84 20.37 8.41
N THR B 76 -22.00 21.41 8.34
CA THR B 76 -22.46 22.79 8.47
C THR B 76 -23.02 23.35 7.16
N VAL B 77 -22.36 23.02 6.06
CA VAL B 77 -22.64 23.70 4.78
C VAL B 77 -24.07 23.50 4.28
N ALA B 78 -24.77 24.60 4.08
CA ALA B 78 -26.14 24.56 3.57
C ALA B 78 -26.17 24.06 2.13
N GLU B 86 -26.43 14.87 -4.91
CA GLU B 86 -25.80 14.58 -3.63
C GLU B 86 -26.77 14.81 -2.47
N MET B 87 -27.18 13.71 -1.82
CA MET B 87 -28.07 13.78 -0.67
C MET B 87 -27.41 13.11 0.54
N ALA B 88 -27.58 13.70 1.71
CA ALA B 88 -26.90 13.19 2.90
C ALA B 88 -27.76 13.16 4.16
N ASP B 89 -28.17 11.95 4.55
CA ASP B 89 -28.77 11.71 5.85
C ASP B 89 -27.64 11.31 6.82
N CYS B 90 -26.41 11.49 6.36
CA CYS B 90 -25.23 11.16 7.17
C CYS B 90 -25.11 12.13 8.33
N CYS B 91 -25.52 13.38 8.10
CA CYS B 91 -25.40 14.43 9.10
C CYS B 91 -26.42 14.27 10.22
N ALA B 92 -27.39 13.39 10.01
CA ALA B 92 -28.36 13.05 11.04
C ALA B 92 -27.77 12.04 12.01
N LYS B 93 -26.58 11.53 11.68
CA LYS B 93 -25.97 10.44 12.45
C LYS B 93 -24.80 10.89 13.32
N GLN B 94 -24.51 10.10 14.34
CA GLN B 94 -23.39 10.36 15.22
C GLN B 94 -22.18 9.51 14.82
N GLU B 95 -20.99 9.95 15.19
CA GLU B 95 -19.79 9.14 15.03
C GLU B 95 -19.97 7.91 15.92
N PRO B 96 -19.53 6.73 15.46
CA PRO B 96 -18.79 6.44 14.22
C PRO B 96 -19.68 6.14 13.02
N GLU B 97 -20.99 5.98 13.24
CA GLU B 97 -21.90 5.74 12.13
C GLU B 97 -21.77 6.78 11.02
N ARG B 98 -21.68 8.05 11.41
CA ARG B 98 -21.61 9.14 10.45
C ARG B 98 -20.52 8.92 9.40
N ASN B 99 -19.28 8.75 9.86
CA ASN B 99 -18.17 8.57 8.93
C ASN B 99 -18.41 7.40 7.96
N GLU B 100 -18.94 6.31 8.50
CA GLU B 100 -19.29 5.13 7.69
C GLU B 100 -20.28 5.48 6.58
N CYS B 101 -21.24 6.34 6.89
CA CYS B 101 -22.24 6.78 5.93
C CYS B 101 -21.62 7.68 4.85
N PHE B 102 -20.68 8.52 5.26
CA PHE B 102 -19.93 9.35 4.31
C PHE B 102 -19.12 8.48 3.35
N LEU B 103 -18.53 7.41 3.87
CA LEU B 103 -17.76 6.49 3.04
C LEU B 103 -18.66 5.83 2.00
N GLN B 104 -19.86 5.45 2.41
CA GLN B 104 -20.79 4.76 1.51
C GLN B 104 -21.28 5.66 0.39
N HIS B 105 -21.37 6.96 0.65
CA HIS B 105 -21.90 7.89 -0.34
C HIS B 105 -20.80 8.46 -1.23
N LYS B 106 -19.56 8.18 -0.86
CA LYS B 106 -18.44 8.51 -1.72
C LYS B 106 -18.53 7.63 -2.95
N ASP B 107 -18.50 8.24 -4.13
CA ASP B 107 -18.57 7.45 -5.36
C ASP B 107 -17.85 8.16 -6.51
N ASP B 108 -17.02 7.40 -7.22
CA ASP B 108 -16.29 7.91 -8.37
C ASP B 108 -17.19 7.94 -9.61
N ASN B 109 -18.41 7.42 -9.46
CA ASN B 109 -19.38 7.40 -10.55
C ASN B 109 -20.00 8.78 -10.82
N PRO B 110 -20.60 9.41 -9.78
CA PRO B 110 -21.10 10.77 -9.96
C PRO B 110 -20.06 11.63 -10.65
N ASN B 111 -20.29 11.90 -11.94
CA ASN B 111 -19.28 12.54 -12.77
C ASN B 111 -19.60 13.99 -13.12
N LEU B 112 -18.62 14.86 -12.90
CA LEU B 112 -18.73 16.27 -13.25
C LEU B 112 -18.22 16.44 -14.67
N PRO B 113 -18.55 17.58 -15.30
CA PRO B 113 -18.03 17.77 -16.66
C PRO B 113 -16.51 17.79 -16.63
N ARG B 114 -15.87 17.48 -17.76
CA ARG B 114 -14.42 17.51 -17.85
C ARG B 114 -13.95 18.94 -17.55
N LEU B 115 -12.72 19.05 -17.05
CA LEU B 115 -12.14 20.35 -16.76
C LEU B 115 -11.62 20.99 -18.03
N VAL B 116 -11.99 22.24 -18.27
CA VAL B 116 -11.46 22.98 -19.41
C VAL B 116 -10.37 23.92 -18.95
N ARG B 117 -9.14 23.64 -19.34
CA ARG B 117 -8.01 24.48 -18.98
C ARG B 117 -8.08 25.83 -19.69
N PRO B 118 -7.78 26.91 -18.98
CA PRO B 118 -7.60 28.21 -19.63
C PRO B 118 -6.38 28.13 -20.54
N GLU B 119 -6.13 29.16 -21.35
CA GLU B 119 -4.93 29.16 -22.17
C GLU B 119 -3.71 29.34 -21.27
N VAL B 120 -2.58 28.81 -21.73
CA VAL B 120 -1.36 28.74 -20.94
C VAL B 120 -0.95 30.08 -20.36
N ASP B 121 -1.12 31.15 -21.13
CA ASP B 121 -0.73 32.48 -20.68
C ASP B 121 -1.55 32.88 -19.45
N VAL B 122 -2.82 32.53 -19.46
CA VAL B 122 -3.70 32.86 -18.35
C VAL B 122 -3.38 32.03 -17.11
N MET B 123 -3.12 30.74 -17.29
CA MET B 123 -2.71 29.88 -16.19
C MET B 123 -1.44 30.39 -15.55
N CYS B 124 -0.38 30.52 -16.34
CA CYS B 124 0.89 31.03 -15.84
C CYS B 124 0.72 32.36 -15.10
N THR B 125 -0.16 33.21 -15.60
CA THR B 125 -0.44 34.48 -14.97
C THR B 125 -1.07 34.27 -13.59
N ALA B 126 -2.02 33.35 -13.51
CA ALA B 126 -2.69 33.05 -12.24
C ALA B 126 -1.72 32.39 -11.28
N PHE B 127 -0.79 31.62 -11.83
CA PHE B 127 0.22 30.93 -11.04
C PHE B 127 1.19 31.92 -10.41
N HIS B 128 1.20 33.13 -10.95
CA HIS B 128 2.12 34.15 -10.49
C HIS B 128 1.45 35.13 -9.54
N ASP B 129 0.19 35.46 -9.82
CA ASP B 129 -0.53 36.43 -9.00
C ASP B 129 -0.94 35.87 -7.65
N ASN B 130 -1.35 34.60 -7.63
CA ASN B 130 -1.60 33.90 -6.37
C ASN B 130 -1.35 32.40 -6.50
N GLU B 131 -0.13 31.99 -6.17
CA GLU B 131 0.29 30.61 -6.32
C GLU B 131 -0.45 29.69 -5.35
N GLU B 132 -0.73 30.18 -4.16
CA GLU B 132 -1.34 29.36 -3.12
C GLU B 132 -2.72 28.87 -3.54
N THR B 133 -3.55 29.78 -4.01
CA THR B 133 -4.90 29.45 -4.46
C THR B 133 -4.85 28.58 -5.71
N PHE B 134 -3.89 28.88 -6.58
CA PHE B 134 -3.72 28.16 -7.84
C PHE B 134 -3.45 26.68 -7.57
N LEU B 135 -2.56 26.41 -6.62
CA LEU B 135 -2.23 25.04 -6.25
C LEU B 135 -3.36 24.41 -5.45
N LYS B 136 -4.02 25.21 -4.62
CA LYS B 136 -5.19 24.77 -3.87
C LYS B 136 -6.28 24.28 -4.81
N LYS B 137 -6.50 25.04 -5.88
CA LYS B 137 -7.54 24.69 -6.85
C LYS B 137 -7.23 23.34 -7.50
N TYR B 138 -5.94 23.11 -7.76
CA TYR B 138 -5.51 21.83 -8.29
C TYR B 138 -5.92 20.68 -7.37
N LEU B 139 -5.50 20.75 -6.11
CA LEU B 139 -5.86 19.76 -5.10
C LEU B 139 -7.35 19.50 -5.06
N TYR B 140 -8.10 20.59 -4.98
CA TYR B 140 -9.56 20.53 -4.93
C TYR B 140 -10.13 19.80 -6.14
N GLU B 141 -9.61 20.11 -7.33
CA GLU B 141 -10.20 19.60 -8.56
C GLU B 141 -9.90 18.11 -8.76
N ILE B 142 -8.69 17.69 -8.44
CA ILE B 142 -8.35 16.28 -8.55
C ILE B 142 -9.09 15.49 -7.47
N ALA B 143 -9.05 15.99 -6.25
CA ALA B 143 -9.67 15.30 -5.13
C ALA B 143 -11.16 15.03 -5.35
N ARG B 144 -11.91 16.03 -5.83
CA ARG B 144 -13.35 15.86 -6.00
C ARG B 144 -13.69 14.93 -7.17
N ARG B 145 -12.81 14.84 -8.15
CA ARG B 145 -13.02 13.97 -9.31
C ARG B 145 -12.52 12.55 -9.05
N HIS B 146 -11.54 12.42 -8.16
CA HIS B 146 -11.01 11.11 -7.79
C HIS B 146 -11.01 10.94 -6.28
N PRO B 147 -12.19 10.65 -5.71
CA PRO B 147 -12.40 10.59 -4.25
C PRO B 147 -11.59 9.50 -3.55
N TYR B 148 -11.03 8.55 -4.31
CA TYR B 148 -10.25 7.50 -3.68
C TYR B 148 -8.74 7.70 -3.82
N PHE B 149 -8.35 8.85 -4.36
CA PHE B 149 -6.95 9.16 -4.61
C PHE B 149 -6.12 9.13 -3.32
N TYR B 150 -5.01 8.38 -3.38
CA TYR B 150 -4.07 8.24 -2.28
C TYR B 150 -3.56 9.62 -1.87
N ALA B 151 -4.04 10.09 -0.71
CA ALA B 151 -3.88 11.50 -0.33
C ALA B 151 -2.43 11.99 -0.23
N PRO B 152 -1.56 11.25 0.48
CA PRO B 152 -0.18 11.71 0.57
C PRO B 152 0.51 11.73 -0.78
N GLU B 153 0.02 10.91 -1.71
CA GLU B 153 0.59 10.88 -3.05
C GLU B 153 0.07 12.06 -3.88
N LEU B 154 -1.12 12.54 -3.55
CA LEU B 154 -1.68 13.71 -4.23
C LEU B 154 -0.90 14.96 -3.87
N LEU B 155 -0.39 15.02 -2.65
CA LEU B 155 0.44 16.15 -2.22
C LEU B 155 1.72 16.21 -3.04
N PHE B 156 2.17 15.04 -3.49
CA PHE B 156 3.36 14.97 -4.32
C PHE B 156 3.06 15.34 -5.78
N PHE B 157 1.89 14.92 -6.26
CA PHE B 157 1.43 15.37 -7.56
C PHE B 157 1.39 16.90 -7.60
N ALA B 158 0.86 17.50 -6.54
CA ALA B 158 0.79 18.95 -6.45
C ALA B 158 2.17 19.58 -6.57
N LYS B 159 3.14 18.97 -5.91
CA LYS B 159 4.51 19.49 -5.96
C LYS B 159 5.09 19.38 -7.37
N ARG B 160 4.74 18.31 -8.06
CA ARG B 160 5.19 18.11 -9.44
C ARG B 160 4.48 19.08 -10.37
N TYR B 161 3.21 19.33 -10.08
CA TYR B 161 2.41 20.32 -10.78
C TYR B 161 3.02 21.70 -10.63
N LYS B 162 3.37 22.06 -9.39
CA LYS B 162 4.01 23.33 -9.11
C LYS B 162 5.36 23.46 -9.82
N ALA B 163 6.09 22.37 -9.91
CA ALA B 163 7.40 22.43 -10.57
C ALA B 163 7.24 22.63 -12.07
N ALA B 164 6.20 22.01 -12.64
CA ALA B 164 5.95 22.13 -14.07
C ALA B 164 5.67 23.58 -14.47
N PHE B 165 4.96 24.30 -13.59
CA PHE B 165 4.66 25.71 -13.82
C PHE B 165 5.83 26.61 -13.49
N THR B 166 6.72 26.15 -12.62
CA THR B 166 7.87 26.95 -12.22
C THR B 166 8.89 27.03 -13.36
N GLU B 167 9.06 25.93 -14.09
CA GLU B 167 9.93 25.93 -15.24
C GLU B 167 9.25 26.50 -16.48
N CYS B 168 8.18 25.84 -16.91
CA CYS B 168 7.56 26.11 -18.20
C CYS B 168 7.05 27.54 -18.41
N CYS B 169 6.78 28.26 -17.32
CA CYS B 169 6.21 29.59 -17.43
C CYS B 169 7.18 30.65 -17.96
N GLN B 170 8.45 30.29 -18.01
CA GLN B 170 9.46 31.19 -18.55
C GLN B 170 9.94 30.75 -19.94
N ALA B 171 9.44 29.59 -20.38
CA ALA B 171 9.93 28.97 -21.61
C ALA B 171 9.47 29.72 -22.86
N ALA B 172 10.21 29.51 -23.95
CA ALA B 172 9.90 30.16 -25.22
C ALA B 172 8.49 29.83 -25.65
N ASP B 173 8.22 28.55 -25.80
CA ASP B 173 6.88 28.06 -26.11
C ASP B 173 6.29 27.40 -24.86
N LYS B 174 5.65 28.21 -24.01
CA LYS B 174 5.12 27.72 -22.74
C LYS B 174 4.31 26.43 -22.93
N ALA B 175 3.38 26.45 -23.87
CA ALA B 175 2.55 25.27 -24.14
C ALA B 175 3.35 24.05 -24.58
N ALA B 176 4.38 24.25 -25.40
CA ALA B 176 5.19 23.14 -25.86
C ALA B 176 5.91 22.49 -24.69
N CYS B 177 6.34 23.32 -23.75
CA CYS B 177 6.99 22.84 -22.53
C CYS B 177 5.97 22.22 -21.57
N LEU B 178 4.89 22.94 -21.31
CA LEU B 178 3.97 22.63 -20.22
C LEU B 178 2.99 21.51 -20.51
N LEU B 179 2.28 21.60 -21.63
CA LEU B 179 1.18 20.67 -21.91
C LEU B 179 1.55 19.18 -21.82
N PRO B 180 2.70 18.79 -22.38
CA PRO B 180 3.08 17.38 -22.26
C PRO B 180 3.34 16.96 -20.82
N LYS B 181 3.80 17.91 -20.00
CA LYS B 181 4.01 17.65 -18.58
C LYS B 181 2.68 17.50 -17.86
N LEU B 182 1.69 18.30 -18.25
CA LEU B 182 0.37 18.25 -17.63
C LEU B 182 -0.45 17.06 -18.08
N ASP B 183 -0.19 16.57 -19.29
CA ASP B 183 -0.90 15.38 -19.78
C ASP B 183 -0.32 14.12 -19.16
N GLU B 184 0.99 14.12 -19.00
CA GLU B 184 1.68 13.01 -18.35
C GLU B 184 1.20 12.88 -16.91
N LEU B 185 1.19 14.01 -16.21
CA LEU B 185 0.72 14.07 -14.83
C LEU B 185 -0.72 13.55 -14.75
N ARG B 186 -1.52 13.92 -15.75
CA ARG B 186 -2.91 13.48 -15.80
C ARG B 186 -3.01 11.96 -15.94
N ASP B 187 -2.23 11.40 -16.87
CA ASP B 187 -2.20 9.96 -17.09
C ASP B 187 -1.78 9.19 -15.84
N GLU B 188 -0.68 9.64 -15.21
CA GLU B 188 -0.20 9.02 -13.98
C GLU B 188 -1.23 9.14 -12.85
N GLY B 189 -1.94 10.25 -12.82
CA GLY B 189 -2.98 10.47 -11.83
C GLY B 189 -4.17 9.55 -12.03
N LYS B 190 -4.52 9.32 -13.29
CA LYS B 190 -5.63 8.40 -13.61
C LYS B 190 -5.29 6.98 -13.17
N ALA B 191 -4.06 6.55 -13.47
CA ALA B 191 -3.60 5.22 -13.12
C ALA B 191 -3.44 5.06 -11.61
N SER B 192 -2.75 6.02 -10.98
CA SER B 192 -2.61 6.03 -9.54
C SER B 192 -3.98 5.92 -8.88
N SER B 193 -4.91 6.76 -9.32
CA SER B 193 -6.27 6.75 -8.79
C SER B 193 -6.96 5.40 -8.98
N ALA B 194 -6.65 4.72 -10.07
CA ALA B 194 -7.29 3.45 -10.39
C ALA B 194 -6.78 2.33 -9.49
N LYS B 195 -5.47 2.25 -9.31
CA LYS B 195 -4.88 1.26 -8.41
C LYS B 195 -5.43 1.41 -7.00
N GLN B 196 -5.39 2.64 -6.49
CA GLN B 196 -5.83 2.91 -5.13
C GLN B 196 -7.29 2.54 -4.93
N ARG B 197 -8.12 2.79 -5.94
CA ARG B 197 -9.54 2.47 -5.83
C ARG B 197 -9.71 0.98 -5.66
N LEU B 198 -8.90 0.21 -6.40
CA LEU B 198 -8.90 -1.24 -6.28
C LEU B 198 -8.50 -1.70 -4.87
N LYS B 199 -7.42 -1.13 -4.35
CA LYS B 199 -6.99 -1.40 -2.97
C LYS B 199 -8.10 -1.12 -1.96
N CYS B 200 -8.78 0.01 -2.12
CA CYS B 200 -9.83 0.39 -1.19
C CYS B 200 -11.03 -0.55 -1.27
N ALA B 201 -11.38 -0.97 -2.49
CA ALA B 201 -12.48 -1.91 -2.68
C ALA B 201 -12.24 -3.18 -1.87
N SER B 202 -11.08 -3.78 -2.08
CA SER B 202 -10.69 -5.01 -1.40
C SER B 202 -10.62 -4.88 0.13
N LEU B 203 -10.01 -3.81 0.62
CA LEU B 203 -9.92 -3.61 2.07
C LEU B 203 -11.30 -3.37 2.66
N GLN B 204 -12.16 -2.70 1.90
CA GLN B 204 -13.50 -2.36 2.39
C GLN B 204 -14.45 -3.55 2.38
N LYS B 205 -14.40 -4.33 1.30
CA LYS B 205 -15.25 -5.51 1.16
C LYS B 205 -14.73 -6.68 1.99
N PHE B 206 -13.54 -7.17 1.63
CA PHE B 206 -12.98 -8.41 2.18
C PHE B 206 -12.28 -8.23 3.52
N GLY B 207 -11.50 -7.16 3.65
CA GLY B 207 -10.63 -6.99 4.79
C GLY B 207 -9.19 -7.01 4.33
N GLU B 208 -8.28 -7.21 5.28
CA GLU B 208 -6.85 -7.07 5.04
C GLU B 208 -6.22 -8.23 4.25
N ARG B 209 -6.72 -9.44 4.46
CA ARG B 209 -6.10 -10.66 3.95
C ARG B 209 -5.62 -10.62 2.49
N ALA B 210 -6.50 -10.18 1.58
CA ALA B 210 -6.14 -10.12 0.17
C ALA B 210 -5.06 -9.06 -0.08
N PHE B 211 -5.17 -7.93 0.61
CA PHE B 211 -4.20 -6.87 0.45
C PHE B 211 -2.84 -7.28 0.97
N LYS B 212 -2.81 -8.04 2.05
CA LYS B 212 -1.54 -8.45 2.65
C LYS B 212 -0.85 -9.54 1.84
N ALA B 213 -1.62 -10.36 1.15
CA ALA B 213 -1.05 -11.38 0.29
C ALA B 213 -0.36 -10.71 -0.89
N TRP B 214 -1.06 -9.75 -1.50
CA TRP B 214 -0.49 -8.97 -2.60
C TRP B 214 0.79 -8.26 -2.15
N ALA B 215 0.76 -7.69 -0.96
CA ALA B 215 1.91 -6.91 -0.49
C ALA B 215 3.12 -7.78 -0.12
N VAL B 216 2.87 -8.97 0.42
CA VAL B 216 3.98 -9.88 0.69
C VAL B 216 4.64 -10.27 -0.63
N ALA B 217 3.82 -10.50 -1.65
CA ALA B 217 4.33 -10.86 -2.96
C ALA B 217 5.15 -9.70 -3.51
N ARG B 218 4.53 -8.55 -3.61
CA ARG B 218 5.16 -7.36 -4.17
C ARG B 218 6.45 -6.98 -3.46
N LEU B 219 6.42 -6.89 -2.13
CA LEU B 219 7.62 -6.44 -1.41
C LEU B 219 8.75 -7.47 -1.39
N SER B 220 8.43 -8.74 -1.61
CA SER B 220 9.45 -9.79 -1.65
C SER B 220 10.22 -9.78 -2.97
N GLN B 221 9.57 -9.34 -4.04
CA GLN B 221 10.24 -9.10 -5.30
C GLN B 221 11.17 -7.90 -5.17
N ARG B 222 10.66 -6.85 -4.53
CA ARG B 222 11.35 -5.58 -4.42
C ARG B 222 12.52 -5.65 -3.43
N PHE B 223 12.32 -6.38 -2.33
CA PHE B 223 13.35 -6.49 -1.29
C PHE B 223 13.76 -7.94 -1.03
N PRO B 224 14.31 -8.60 -2.06
CA PRO B 224 14.64 -10.03 -2.05
C PRO B 224 15.58 -10.44 -0.91
N LYS B 225 16.39 -9.52 -0.42
CA LYS B 225 17.39 -9.86 0.59
C LYS B 225 16.88 -9.69 2.01
N ALA B 226 15.74 -9.05 2.18
CA ALA B 226 15.15 -8.87 3.50
C ALA B 226 14.68 -10.22 4.03
N GLU B 227 14.81 -10.40 5.34
CA GLU B 227 14.25 -11.57 6.02
C GLU B 227 12.73 -11.53 5.97
N PHE B 228 12.10 -12.69 6.12
CA PHE B 228 10.64 -12.79 6.08
C PHE B 228 9.97 -11.94 7.15
N ALA B 229 10.56 -11.90 8.34
CA ALA B 229 10.00 -11.11 9.44
C ALA B 229 10.06 -9.60 9.15
N GLU B 230 11.09 -9.18 8.42
CA GLU B 230 11.27 -7.76 8.08
C GLU B 230 10.24 -7.35 7.05
N VAL B 231 10.13 -8.14 5.98
CA VAL B 231 9.14 -7.91 4.95
C VAL B 231 7.76 -7.85 5.59
N SER B 232 7.50 -8.78 6.50
CA SER B 232 6.22 -8.89 7.17
C SER B 232 5.92 -7.64 8.00
N LYS B 233 6.94 -7.12 8.66
CA LYS B 233 6.79 -5.92 9.46
C LYS B 233 6.43 -4.74 8.55
N LEU B 234 7.06 -4.69 7.37
CA LEU B 234 6.77 -3.64 6.38
C LEU B 234 5.36 -3.78 5.85
N VAL B 235 4.94 -5.01 5.59
CA VAL B 235 3.59 -5.27 5.10
C VAL B 235 2.54 -4.80 6.09
N THR B 236 2.76 -5.09 7.38
CA THR B 236 1.86 -4.64 8.41
C THR B 236 1.75 -3.12 8.45
N ASP B 237 2.87 -2.43 8.36
CA ASP B 237 2.88 -0.97 8.34
C ASP B 237 2.15 -0.40 7.14
N LEU B 238 2.43 -0.96 5.96
CA LEU B 238 1.79 -0.53 4.73
C LEU B 238 0.28 -0.72 4.80
N THR B 239 -0.16 -1.82 5.40
CA THR B 239 -1.59 -2.12 5.51
C THR B 239 -2.30 -1.11 6.40
N LYS B 240 -1.63 -0.72 7.48
CA LYS B 240 -2.15 0.30 8.38
C LYS B 240 -2.27 1.64 7.64
N VAL B 241 -1.24 2.00 6.89
CA VAL B 241 -1.26 3.22 6.08
C VAL B 241 -2.46 3.24 5.16
N HIS B 242 -2.68 2.15 4.45
CA HIS B 242 -3.75 2.10 3.46
C HIS B 242 -5.16 1.91 4.03
N THR B 243 -5.25 1.32 5.21
CA THR B 243 -6.53 1.17 5.87
C THR B 243 -7.02 2.54 6.30
N GLU B 244 -6.14 3.31 6.90
CA GLU B 244 -6.49 4.67 7.31
C GLU B 244 -6.90 5.54 6.12
N CYS B 245 -6.13 5.51 5.04
CA CYS B 245 -6.47 6.27 3.85
C CYS B 245 -7.83 5.90 3.27
N CYS B 246 -8.11 4.60 3.20
CA CYS B 246 -9.36 4.12 2.61
C CYS B 246 -10.58 4.39 3.50
N HIS B 247 -10.33 4.60 4.79
CA HIS B 247 -11.38 4.95 5.72
C HIS B 247 -11.50 6.45 6.00
N GLY B 248 -10.76 7.26 5.23
CA GLY B 248 -10.85 8.70 5.36
C GLY B 248 -10.09 9.29 6.53
N ASP B 249 -9.15 8.53 7.08
CA ASP B 249 -8.25 9.08 8.10
C ASP B 249 -7.01 9.59 7.40
N LEU B 250 -7.16 10.64 6.60
CA LEU B 250 -6.07 11.09 5.75
C LEU B 250 -4.89 11.63 6.53
N LEU B 251 -5.15 12.37 7.60
CA LEU B 251 -4.07 12.91 8.43
C LEU B 251 -3.24 11.78 9.04
N GLU B 252 -3.91 10.76 9.60
CA GLU B 252 -3.21 9.61 10.17
C GLU B 252 -2.46 8.85 9.07
N CYS B 253 -3.12 8.69 7.94
CA CYS B 253 -2.53 8.02 6.79
C CYS B 253 -1.19 8.63 6.39
N ALA B 254 -1.17 9.96 6.23
CA ALA B 254 0.03 10.67 5.79
C ALA B 254 1.11 10.66 6.86
N ASP B 255 0.70 10.74 8.12
CA ASP B 255 1.65 10.72 9.21
C ASP B 255 2.35 9.35 9.27
N ASP B 256 1.58 8.28 9.08
CA ASP B 256 2.12 6.94 9.16
C ASP B 256 2.99 6.61 7.95
N ARG B 257 2.56 7.06 6.77
CA ARG B 257 3.38 6.89 5.58
C ARG B 257 4.75 7.53 5.77
N ALA B 258 4.78 8.75 6.28
CA ALA B 258 6.06 9.40 6.58
C ALA B 258 6.88 8.59 7.57
N ASP B 259 6.22 8.04 8.60
CA ASP B 259 6.92 7.23 9.59
C ASP B 259 7.48 5.96 8.99
N LEU B 260 6.77 5.42 8.01
CA LEU B 260 7.18 4.21 7.32
C LEU B 260 8.42 4.48 6.47
N ALA B 261 8.43 5.63 5.80
CA ALA B 261 9.58 6.06 5.00
C ALA B 261 10.81 6.26 5.88
N LYS B 262 10.60 6.89 7.03
CA LYS B 262 11.68 7.07 8.00
C LYS B 262 12.23 5.72 8.50
N TYR B 263 11.34 4.79 8.82
CA TYR B 263 11.75 3.48 9.30
C TYR B 263 12.57 2.74 8.24
N ILE B 264 12.12 2.81 6.99
CA ILE B 264 12.80 2.12 5.90
C ILE B 264 14.19 2.70 5.67
N CYS B 265 14.31 4.02 5.74
CA CYS B 265 15.58 4.69 5.53
C CYS B 265 16.56 4.43 6.66
N GLU B 266 16.06 4.31 7.89
CA GLU B 266 16.92 3.95 9.01
C GLU B 266 17.31 2.47 9.04
N ASN B 267 16.58 1.64 8.28
CA ASN B 267 16.85 0.20 8.28
C ASN B 267 17.22 -0.36 6.92
N GLN B 268 17.84 0.48 6.10
CA GLN B 268 18.24 0.10 4.75
C GLN B 268 19.00 -1.21 4.69
N ASP B 269 19.88 -1.44 5.66
CA ASP B 269 20.72 -2.64 5.64
C ASP B 269 19.93 -3.94 5.80
N SER B 270 18.73 -3.88 6.36
CA SER B 270 17.91 -5.07 6.52
C SER B 270 16.88 -5.17 5.41
N ILE B 271 16.95 -4.25 4.47
CA ILE B 271 15.87 -4.11 3.49
C ILE B 271 16.35 -4.17 2.06
N SER B 272 17.27 -3.28 1.69
CA SER B 272 17.67 -3.17 0.28
C SER B 272 18.88 -2.25 0.13
N SER B 273 19.71 -2.53 -0.88
CA SER B 273 20.88 -1.70 -1.17
C SER B 273 20.55 -0.56 -2.13
N LYS B 274 19.34 -0.57 -2.68
CA LYS B 274 18.92 0.41 -3.67
C LYS B 274 18.13 1.59 -3.10
N LEU B 275 18.30 1.87 -1.81
CA LEU B 275 17.53 2.92 -1.15
C LEU B 275 18.35 4.16 -0.81
N LYS B 276 19.68 4.05 -0.92
CA LYS B 276 20.58 5.15 -0.54
C LYS B 276 20.16 6.53 -1.05
N GLU B 277 19.79 6.60 -2.33
CA GLU B 277 19.45 7.87 -2.96
C GLU B 277 18.09 8.37 -2.48
N CYS B 278 17.10 7.50 -2.52
CA CYS B 278 15.76 7.83 -2.06
C CYS B 278 15.78 8.52 -0.71
N CYS B 279 16.63 8.04 0.19
CA CYS B 279 16.59 8.45 1.58
C CYS B 279 17.32 9.77 1.88
N GLU B 280 17.83 10.41 0.83
CA GLU B 280 18.49 11.71 0.97
C GLU B 280 17.54 12.82 0.54
N LYS B 281 16.46 12.44 -0.12
CA LYS B 281 15.51 13.38 -0.67
C LYS B 281 14.55 13.95 0.39
N PRO B 282 13.79 14.99 0.02
CA PRO B 282 12.85 15.63 0.95
C PRO B 282 11.55 14.84 1.10
N LEU B 283 10.93 14.98 2.27
CA LEU B 283 9.77 14.19 2.67
C LEU B 283 8.87 13.65 1.56
N LEU B 284 8.16 14.53 0.86
CA LEU B 284 7.16 14.08 -0.12
C LEU B 284 7.72 13.19 -1.23
N GLU B 285 8.89 13.53 -1.76
CA GLU B 285 9.47 12.71 -2.82
C GLU B 285 10.30 11.52 -2.30
N LYS B 286 10.73 11.59 -1.05
CA LYS B 286 11.36 10.43 -0.42
C LYS B 286 10.41 9.24 -0.43
N SER B 287 9.17 9.50 -0.03
CA SER B 287 8.15 8.46 0.00
C SER B 287 7.83 7.95 -1.39
N HIS B 288 7.60 8.88 -2.31
CA HIS B 288 7.30 8.51 -3.69
C HIS B 288 8.42 7.66 -4.27
N CYS B 289 9.66 8.06 -3.97
CA CYS B 289 10.83 7.37 -4.46
C CYS B 289 10.90 5.93 -3.96
N ILE B 290 10.74 5.76 -2.65
CA ILE B 290 10.75 4.43 -2.05
C ILE B 290 9.69 3.55 -2.69
N ALA B 291 8.49 4.09 -2.88
CA ALA B 291 7.41 3.33 -3.49
C ALA B 291 7.67 2.98 -4.96
N GLU B 292 8.63 3.67 -5.59
CA GLU B 292 8.94 3.43 -6.99
C GLU B 292 10.30 2.76 -7.20
N VAL B 293 11.02 2.52 -6.12
CA VAL B 293 12.37 1.97 -6.19
C VAL B 293 12.36 0.63 -6.92
N GLU B 294 13.46 0.31 -7.60
CA GLU B 294 13.52 -0.91 -8.40
C GLU B 294 13.98 -2.09 -7.56
N ASN B 295 13.61 -3.29 -7.98
CA ASN B 295 13.96 -4.51 -7.27
C ASN B 295 15.44 -4.59 -6.97
N ASP B 296 15.78 -5.03 -5.77
CA ASP B 296 17.16 -5.32 -5.43
C ASP B 296 17.49 -6.65 -6.08
N GLU B 297 18.76 -7.05 -6.02
CA GLU B 297 19.15 -8.32 -6.61
C GLU B 297 19.02 -9.41 -5.56
N MET B 298 18.54 -10.58 -5.97
CA MET B 298 18.29 -11.66 -5.03
C MET B 298 19.60 -12.24 -4.53
N PRO B 299 19.60 -12.83 -3.33
CA PRO B 299 20.79 -13.50 -2.82
C PRO B 299 21.24 -14.59 -3.79
N ALA B 300 22.54 -14.86 -3.83
CA ALA B 300 23.11 -15.73 -4.84
C ALA B 300 22.68 -17.20 -4.75
N ASP B 301 22.90 -17.83 -3.60
CA ASP B 301 22.74 -19.28 -3.52
C ASP B 301 21.54 -19.74 -2.69
N LEU B 302 20.35 -19.44 -3.19
CA LEU B 302 19.11 -19.86 -2.55
C LEU B 302 18.78 -21.30 -2.91
N PRO B 303 18.39 -22.09 -1.91
CA PRO B 303 17.98 -23.48 -2.16
C PRO B 303 16.68 -23.53 -2.95
N SER B 304 16.36 -24.70 -3.50
CA SER B 304 15.08 -24.88 -4.16
C SER B 304 13.97 -24.75 -3.12
N LEU B 305 12.76 -24.55 -3.59
CA LEU B 305 11.60 -24.41 -2.73
C LEU B 305 11.14 -25.79 -2.25
N ALA B 306 11.66 -26.84 -2.87
CA ALA B 306 11.23 -28.20 -2.55
C ALA B 306 11.54 -28.56 -1.10
N ALA B 307 12.69 -28.11 -0.60
CA ALA B 307 13.11 -28.48 0.75
C ALA B 307 12.09 -28.07 1.81
N ASP B 308 11.66 -26.81 1.79
CA ASP B 308 10.83 -26.26 2.84
C ASP B 308 9.34 -26.56 2.64
N PHE B 309 8.95 -26.74 1.39
CA PHE B 309 7.53 -26.83 1.06
C PHE B 309 7.05 -28.18 0.56
N VAL B 310 7.97 -29.09 0.28
CA VAL B 310 7.57 -30.44 -0.16
C VAL B 310 8.19 -31.54 0.72
N GLU B 311 9.50 -31.51 0.89
CA GLU B 311 10.20 -32.56 1.61
C GLU B 311 10.14 -32.41 3.13
N SER B 312 10.09 -31.17 3.61
CA SER B 312 10.02 -30.92 5.04
C SER B 312 8.93 -31.77 5.70
N LYS B 313 9.27 -32.38 6.83
CA LYS B 313 8.28 -33.17 7.58
C LYS B 313 7.26 -32.29 8.28
N ASP B 314 7.54 -30.98 8.34
CA ASP B 314 6.69 -30.05 9.06
C ASP B 314 5.75 -29.27 8.14
N VAL B 315 5.68 -29.66 6.88
CA VAL B 315 4.80 -28.96 5.95
C VAL B 315 3.38 -28.85 6.51
N CYS B 316 2.73 -30.00 6.74
CA CYS B 316 1.36 -30.00 7.22
C CYS B 316 1.23 -29.37 8.60
N LYS B 317 2.21 -29.63 9.45
CA LYS B 317 2.20 -29.05 10.79
C LYS B 317 2.23 -27.52 10.72
N ASN B 318 3.10 -26.98 9.87
CA ASN B 318 3.19 -25.54 9.68
C ASN B 318 1.91 -24.96 9.11
N TYR B 319 1.31 -25.68 8.17
CA TYR B 319 0.08 -25.26 7.52
C TYR B 319 -1.10 -25.24 8.49
N ALA B 320 -1.15 -26.24 9.37
CA ALA B 320 -2.22 -26.36 10.35
C ALA B 320 -2.10 -25.29 11.43
N GLU B 321 -0.90 -25.15 11.98
CA GLU B 321 -0.67 -24.23 13.10
C GLU B 321 -0.80 -22.74 12.77
N ALA B 322 -0.46 -22.36 11.54
CA ALA B 322 -0.55 -20.95 11.15
C ALA B 322 -0.60 -20.79 9.64
N LYS B 323 -1.73 -21.18 9.06
CA LYS B 323 -2.00 -21.08 7.64
C LYS B 323 -1.43 -19.82 6.98
N ASP B 324 -1.81 -18.65 7.50
CA ASP B 324 -1.41 -17.39 6.88
C ASP B 324 0.08 -17.17 6.89
N VAL B 325 0.74 -17.56 7.97
CA VAL B 325 2.18 -17.43 8.09
C VAL B 325 2.88 -18.32 7.08
N PHE B 326 2.48 -19.59 7.05
CA PHE B 326 3.08 -20.56 6.15
C PHE B 326 2.88 -20.16 4.69
N LEU B 327 1.65 -19.82 4.33
CA LEU B 327 1.35 -19.39 2.97
C LEU B 327 2.04 -18.07 2.64
N GLY B 328 2.29 -17.27 3.67
CA GLY B 328 3.05 -16.05 3.50
C GLY B 328 4.52 -16.34 3.21
N MET B 329 5.09 -17.32 3.90
CA MET B 329 6.47 -17.74 3.67
C MET B 329 6.62 -18.35 2.28
N PHE B 330 5.59 -19.05 1.81
CA PHE B 330 5.62 -19.62 0.48
C PHE B 330 5.65 -18.49 -0.54
N LEU B 331 4.82 -17.48 -0.30
CA LEU B 331 4.67 -16.35 -1.20
C LEU B 331 5.99 -15.57 -1.26
N TYR B 332 6.55 -15.35 -0.08
CA TYR B 332 7.83 -14.67 0.06
C TYR B 332 8.96 -15.42 -0.66
N GLU B 333 9.14 -16.70 -0.35
CA GLU B 333 10.22 -17.49 -0.94
C GLU B 333 10.08 -17.60 -2.45
N TYR B 334 8.84 -17.74 -2.92
CA TYR B 334 8.59 -17.81 -4.35
C TYR B 334 8.82 -16.48 -5.05
N ALA B 335 8.25 -15.42 -4.48
CA ALA B 335 8.27 -14.11 -5.12
C ALA B 335 9.69 -13.55 -5.19
N ARG B 336 10.50 -13.83 -4.18
CA ARG B 336 11.84 -13.28 -4.14
C ARG B 336 12.73 -13.91 -5.21
N ARG B 337 12.37 -15.13 -5.62
CA ARG B 337 13.08 -15.84 -6.69
C ARG B 337 12.53 -15.47 -8.06
N HIS B 338 11.37 -14.84 -8.10
CA HIS B 338 10.72 -14.59 -9.37
C HIS B 338 10.19 -13.17 -9.57
N PRO B 339 11.11 -12.21 -9.69
CA PRO B 339 10.72 -10.83 -10.02
C PRO B 339 10.14 -10.74 -11.43
N ASP B 340 10.38 -11.74 -12.26
CA ASP B 340 9.84 -11.75 -13.62
C ASP B 340 8.36 -12.13 -13.70
N TYR B 341 7.83 -12.71 -12.62
CA TYR B 341 6.40 -13.06 -12.57
C TYR B 341 5.56 -11.84 -12.19
N SER B 342 4.30 -11.83 -12.63
CA SER B 342 3.36 -10.84 -12.14
C SER B 342 2.89 -11.27 -10.75
N VAL B 343 2.36 -10.33 -9.98
CA VAL B 343 1.93 -10.63 -8.62
C VAL B 343 0.73 -11.57 -8.62
N VAL B 344 -0.19 -11.34 -9.54
CA VAL B 344 -1.36 -12.22 -9.67
C VAL B 344 -0.97 -13.67 -10.00
N LEU B 345 0.06 -13.86 -10.81
CA LEU B 345 0.54 -15.21 -11.06
C LEU B 345 1.04 -15.83 -9.76
N LEU B 346 1.81 -15.06 -8.99
CA LEU B 346 2.36 -15.53 -7.73
C LEU B 346 1.25 -15.90 -6.75
N LEU B 347 0.16 -15.14 -6.80
CA LEU B 347 -1.01 -15.41 -5.98
C LEU B 347 -1.78 -16.65 -6.43
N ARG B 348 -1.84 -16.91 -7.74
CA ARG B 348 -2.52 -18.11 -8.24
C ARG B 348 -1.74 -19.36 -7.85
N LEU B 349 -0.42 -19.25 -7.85
CA LEU B 349 0.42 -20.36 -7.42
C LEU B 349 0.24 -20.63 -5.95
N ALA B 350 0.17 -19.57 -5.15
CA ALA B 350 -0.04 -19.71 -3.71
C ALA B 350 -1.41 -20.30 -3.43
N LYS B 351 -2.40 -19.92 -4.24
CA LYS B 351 -3.74 -20.45 -4.08
C LYS B 351 -3.74 -21.94 -4.40
N THR B 352 -3.12 -22.30 -5.52
CA THR B 352 -2.97 -23.69 -5.92
C THR B 352 -2.30 -24.53 -4.83
N TYR B 353 -1.22 -24.00 -4.27
CA TYR B 353 -0.46 -24.71 -3.25
C TYR B 353 -1.29 -24.91 -1.98
N GLU B 354 -2.04 -23.88 -1.61
CA GLU B 354 -2.90 -23.92 -0.45
C GLU B 354 -4.01 -24.97 -0.61
N THR B 355 -4.64 -24.97 -1.78
CA THR B 355 -5.70 -25.92 -2.09
C THR B 355 -5.20 -27.36 -2.02
N THR B 356 -3.96 -27.58 -2.46
CA THR B 356 -3.37 -28.91 -2.44
C THR B 356 -3.10 -29.37 -1.01
N LEU B 357 -2.66 -28.46 -0.16
CA LEU B 357 -2.38 -28.81 1.22
C LEU B 357 -3.66 -29.10 1.99
N GLU B 358 -4.70 -28.32 1.72
CA GLU B 358 -5.98 -28.48 2.40
C GLU B 358 -6.53 -29.88 2.15
N LYS B 359 -6.28 -30.39 0.95
CA LYS B 359 -6.71 -31.73 0.57
C LYS B 359 -5.83 -32.83 1.16
N CYS B 360 -4.53 -32.73 0.94
CA CYS B 360 -3.59 -33.80 1.29
C CYS B 360 -3.28 -33.92 2.78
N CYS B 361 -3.19 -32.79 3.48
CA CYS B 361 -2.82 -32.82 4.89
C CYS B 361 -3.88 -33.52 5.74
N ALA B 362 -4.89 -34.10 5.09
CA ALA B 362 -5.90 -34.89 5.77
C ALA B 362 -5.63 -36.38 5.61
N ALA B 363 -4.90 -36.74 4.57
CA ALA B 363 -4.61 -38.15 4.25
C ALA B 363 -3.66 -38.80 5.24
N ALA B 364 -3.59 -40.12 5.19
CA ALA B 364 -2.71 -40.89 6.07
C ALA B 364 -1.24 -40.58 5.78
N ASP B 365 -0.90 -40.51 4.49
CA ASP B 365 0.44 -40.16 4.07
C ASP B 365 0.42 -38.93 3.15
N PRO B 366 0.36 -37.74 3.76
CA PRO B 366 0.23 -36.48 3.03
C PRO B 366 1.30 -36.30 1.96
N HIS B 367 2.55 -36.58 2.29
CA HIS B 367 3.66 -36.34 1.37
C HIS B 367 3.44 -37.03 0.03
N GLU B 368 2.98 -38.28 0.11
CA GLU B 368 2.61 -39.03 -1.07
C GLU B 368 1.63 -38.24 -1.92
N CYS B 369 0.68 -37.60 -1.26
CA CYS B 369 -0.36 -36.83 -1.94
C CYS B 369 0.16 -35.58 -2.67
N TYR B 370 0.98 -34.77 -2.00
CA TYR B 370 1.40 -33.48 -2.55
C TYR B 370 2.83 -33.44 -3.11
N ALA B 371 3.43 -34.59 -3.34
CA ALA B 371 4.83 -34.64 -3.77
C ALA B 371 5.09 -33.94 -5.11
N LYS B 372 4.10 -33.96 -5.99
CA LYS B 372 4.26 -33.39 -7.32
C LYS B 372 3.52 -32.06 -7.46
N VAL B 373 3.28 -31.40 -6.34
CA VAL B 373 2.51 -30.15 -6.33
C VAL B 373 3.12 -29.10 -7.27
N PHE B 374 4.43 -29.09 -7.39
CA PHE B 374 5.09 -28.09 -8.25
C PHE B 374 4.82 -28.32 -9.73
N ASP B 375 4.40 -29.53 -10.08
CA ASP B 375 4.04 -29.83 -11.47
C ASP B 375 2.74 -29.13 -11.83
N GLU B 376 1.88 -28.91 -10.85
CA GLU B 376 0.66 -28.16 -11.04
C GLU B 376 0.96 -26.72 -11.47
N PHE B 377 2.11 -26.21 -11.03
CA PHE B 377 2.49 -24.82 -11.31
C PHE B 377 2.85 -24.58 -12.77
N LYS B 378 3.35 -25.61 -13.44
CA LYS B 378 3.82 -25.48 -14.81
C LYS B 378 2.80 -24.88 -15.78
N PRO B 379 1.59 -25.46 -15.85
CA PRO B 379 0.57 -24.95 -16.78
C PRO B 379 0.12 -23.55 -16.39
N LEU B 380 0.36 -23.17 -15.14
CA LEU B 380 -0.07 -21.86 -14.63
C LEU B 380 0.89 -20.78 -15.04
N VAL B 381 2.19 -21.08 -14.96
CA VAL B 381 3.22 -20.12 -15.32
C VAL B 381 3.24 -19.88 -16.82
N GLU B 382 2.84 -20.89 -17.58
CA GLU B 382 2.89 -20.82 -19.04
C GLU B 382 1.69 -20.07 -19.62
N GLU B 383 0.52 -20.22 -19.00
CA GLU B 383 -0.70 -19.59 -19.50
C GLU B 383 -0.57 -18.09 -19.74
N PRO B 384 0.07 -17.36 -18.81
CA PRO B 384 0.26 -15.92 -19.05
C PRO B 384 1.48 -15.65 -19.92
N GLN B 385 2.48 -16.51 -19.87
CA GLN B 385 3.68 -16.33 -20.68
C GLN B 385 3.40 -16.40 -22.18
N ASN B 386 2.43 -17.22 -22.56
CA ASN B 386 2.03 -17.34 -23.95
C ASN B 386 1.04 -16.24 -24.35
N LEU B 387 -0.07 -16.17 -23.62
CA LEU B 387 -1.12 -15.20 -23.90
C LEU B 387 -0.55 -13.80 -24.07
N ILE B 388 0.63 -13.57 -23.49
CA ILE B 388 1.32 -12.30 -23.67
C ILE B 388 2.16 -12.33 -24.93
N LYS B 389 2.98 -13.36 -25.06
CA LYS B 389 3.85 -13.53 -26.22
C LYS B 389 3.06 -13.43 -27.53
N GLN B 390 1.88 -14.03 -27.55
CA GLN B 390 1.06 -14.06 -28.74
C GLN B 390 0.53 -12.66 -29.10
N ASN B 391 -0.09 -12.00 -28.13
CA ASN B 391 -0.65 -10.67 -28.35
C ASN B 391 0.43 -9.61 -28.53
N CYS B 392 1.61 -9.88 -27.99
CA CYS B 392 2.73 -8.97 -28.12
C CYS B 392 3.32 -9.08 -29.53
N GLU B 393 3.33 -10.29 -30.08
CA GLU B 393 3.76 -10.50 -31.45
C GLU B 393 2.67 -10.08 -32.44
N LEU B 394 1.42 -10.23 -32.03
CA LEU B 394 0.28 -9.85 -32.86
C LEU B 394 0.21 -8.34 -33.05
N PHE B 395 0.84 -7.60 -32.13
CA PHE B 395 0.90 -6.15 -32.24
C PHE B 395 2.31 -5.70 -32.60
N GLU B 396 3.15 -6.66 -32.96
CA GLU B 396 4.46 -6.38 -33.51
C GLU B 396 4.38 -6.49 -35.03
N GLN B 397 3.16 -6.68 -35.53
CA GLN B 397 2.91 -6.79 -36.95
C GLN B 397 1.57 -6.17 -37.32
N LEU B 398 1.00 -5.41 -36.39
CA LEU B 398 -0.30 -4.79 -36.60
C LEU B 398 -0.26 -3.28 -36.41
N GLY B 399 0.57 -2.83 -35.48
CA GLY B 399 0.67 -1.41 -35.18
C GLY B 399 -0.33 -0.98 -34.12
N GLU B 400 -0.01 0.10 -33.42
CA GLU B 400 -0.85 0.57 -32.32
C GLU B 400 -2.29 0.82 -32.77
N TYR B 401 -2.45 1.67 -33.77
CA TYR B 401 -3.78 1.99 -34.29
C TYR B 401 -4.33 0.85 -35.14
N GLN B 404 -5.37 -1.76 -31.46
CA GLN B 404 -6.47 -1.08 -30.78
C GLN B 404 -7.81 -1.46 -31.39
N ASN B 405 -7.86 -1.54 -32.71
CA ASN B 405 -9.09 -1.84 -33.42
C ASN B 405 -9.49 -3.30 -33.28
N ALA B 406 -8.51 -4.19 -33.39
CA ALA B 406 -8.77 -5.62 -33.27
C ALA B 406 -9.30 -5.97 -31.88
N LEU B 407 -8.73 -5.33 -30.87
CA LEU B 407 -9.17 -5.55 -29.50
C LEU B 407 -10.61 -5.07 -29.31
N LEU B 408 -10.95 -3.99 -30.00
CA LEU B 408 -12.29 -3.43 -29.93
C LEU B 408 -13.31 -4.44 -30.43
N VAL B 409 -12.97 -5.12 -31.51
CA VAL B 409 -13.87 -6.09 -32.12
C VAL B 409 -14.12 -7.28 -31.20
N ARG B 410 -13.04 -7.82 -30.65
CA ARG B 410 -13.14 -9.01 -29.81
C ARG B 410 -13.91 -8.76 -28.52
N TYR B 411 -13.47 -7.77 -27.75
CA TYR B 411 -14.06 -7.50 -26.45
C TYR B 411 -15.52 -7.08 -26.53
N THR B 412 -15.91 -6.43 -27.62
CA THR B 412 -17.29 -6.03 -27.81
C THR B 412 -18.13 -7.24 -28.19
N LYS B 413 -17.54 -8.15 -28.94
CA LYS B 413 -18.22 -9.37 -29.33
C LYS B 413 -18.45 -10.24 -28.10
N LYS B 414 -17.61 -10.06 -27.09
CA LYS B 414 -17.77 -10.78 -25.84
C LYS B 414 -18.99 -10.24 -25.07
N VAL B 415 -18.91 -8.96 -24.70
CA VAL B 415 -19.99 -8.32 -23.96
C VAL B 415 -20.46 -7.04 -24.66
N PRO B 416 -21.57 -7.15 -25.40
CA PRO B 416 -22.17 -6.03 -26.12
C PRO B 416 -23.29 -5.35 -25.34
N GLN B 417 -23.40 -5.68 -24.06
CA GLN B 417 -24.45 -5.11 -23.22
C GLN B 417 -24.01 -3.78 -22.60
N VAL B 418 -22.74 -3.44 -22.77
CA VAL B 418 -22.19 -2.20 -22.22
C VAL B 418 -22.22 -1.07 -23.25
N SER B 419 -22.11 0.16 -22.77
CA SER B 419 -22.16 1.33 -23.62
C SER B 419 -21.08 1.28 -24.70
N THR B 420 -21.37 1.88 -25.85
CA THR B 420 -20.46 1.83 -27.00
C THR B 420 -19.24 2.77 -26.87
N PRO B 421 -19.46 4.02 -26.43
CA PRO B 421 -18.33 4.94 -26.33
C PRO B 421 -17.40 4.58 -25.18
N THR B 422 -17.92 3.86 -24.19
CA THR B 422 -17.12 3.43 -23.05
C THR B 422 -16.20 2.28 -23.46
N LEU B 423 -16.72 1.39 -24.30
CA LEU B 423 -15.96 0.25 -24.77
C LEU B 423 -14.76 0.69 -25.63
N VAL B 424 -14.91 1.81 -26.32
CA VAL B 424 -13.84 2.32 -27.16
C VAL B 424 -12.73 2.96 -26.32
N GLU B 425 -13.13 3.50 -25.17
CA GLU B 425 -12.18 4.14 -24.26
C GLU B 425 -11.26 3.09 -23.65
N VAL B 426 -11.82 1.90 -23.40
CA VAL B 426 -11.06 0.81 -22.83
C VAL B 426 -10.05 0.26 -23.84
N SER B 427 -10.48 0.15 -25.09
CA SER B 427 -9.62 -0.37 -26.14
C SER B 427 -8.41 0.52 -26.37
N ARG B 428 -8.60 1.82 -26.28
CA ARG B 428 -7.50 2.76 -26.45
C ARG B 428 -6.44 2.52 -25.40
N ASN B 429 -6.87 2.32 -24.15
CA ASN B 429 -5.95 2.05 -23.05
C ASN B 429 -5.23 0.73 -23.25
N LEU B 430 -5.97 -0.28 -23.72
CA LEU B 430 -5.40 -1.60 -23.97
C LEU B 430 -4.24 -1.52 -24.95
N GLY B 431 -4.37 -0.64 -25.94
CA GLY B 431 -3.34 -0.45 -26.94
C GLY B 431 -2.09 0.18 -26.36
N LYS B 432 -2.25 0.90 -25.25
CA LYS B 432 -1.14 1.55 -24.58
C LYS B 432 -0.34 0.53 -23.78
N VAL B 433 -0.96 -0.60 -23.48
CA VAL B 433 -0.31 -1.66 -22.73
C VAL B 433 0.85 -2.25 -23.50
N GLY B 434 0.57 -2.71 -24.72
CA GLY B 434 1.59 -3.28 -25.58
C GLY B 434 2.49 -2.22 -26.17
N SER B 435 2.11 -0.97 -25.99
CA SER B 435 2.86 0.15 -26.56
C SER B 435 4.21 0.33 -25.88
N LYS B 436 4.23 0.18 -24.56
CA LYS B 436 5.46 0.40 -23.80
C LYS B 436 6.03 -0.91 -23.25
N CYS B 437 5.16 -1.79 -22.78
CA CYS B 437 5.60 -3.01 -22.10
C CYS B 437 6.31 -4.02 -23.01
N CYS B 438 5.96 -4.02 -24.28
CA CYS B 438 6.61 -4.91 -25.24
C CYS B 438 8.01 -4.41 -25.57
N LYS B 439 8.28 -3.16 -25.22
CA LYS B 439 9.57 -2.54 -25.50
C LYS B 439 10.66 -3.10 -24.58
N HIS B 440 10.25 -3.50 -23.37
CA HIS B 440 11.18 -4.05 -22.40
C HIS B 440 11.38 -5.55 -22.58
N PRO B 441 12.51 -6.08 -22.10
CA PRO B 441 12.84 -7.51 -22.25
C PRO B 441 11.79 -8.43 -21.61
N GLU B 442 11.92 -9.73 -21.87
CA GLU B 442 10.92 -10.71 -21.46
C GLU B 442 10.80 -10.86 -19.94
N ALA B 443 11.90 -10.67 -19.23
CA ALA B 443 11.91 -10.84 -17.78
C ALA B 443 11.40 -9.60 -17.05
N LYS B 444 10.70 -8.74 -17.77
CA LYS B 444 10.14 -7.52 -17.19
C LYS B 444 8.80 -7.20 -17.83
N ARG B 445 8.34 -8.09 -18.70
CA ARG B 445 7.10 -7.87 -19.44
C ARG B 445 5.86 -8.17 -18.60
N MET B 446 5.85 -9.34 -17.97
CA MET B 446 4.70 -9.78 -17.21
C MET B 446 4.34 -8.83 -16.07
N PRO B 447 5.35 -8.42 -15.28
CA PRO B 447 5.11 -7.48 -14.17
C PRO B 447 4.29 -6.26 -14.60
N CYS B 448 4.73 -5.54 -15.62
CA CYS B 448 4.05 -4.30 -16.00
C CYS B 448 2.78 -4.55 -16.81
N ALA B 449 2.75 -5.66 -17.54
CA ALA B 449 1.61 -5.97 -18.40
C ALA B 449 0.42 -6.50 -17.61
N GLU B 450 0.57 -7.67 -17.02
CA GLU B 450 -0.55 -8.36 -16.40
C GLU B 450 -1.12 -7.62 -15.17
N ASP B 451 -0.27 -6.87 -14.49
CA ASP B 451 -0.72 -6.13 -13.32
C ASP B 451 -1.52 -4.87 -13.69
N TYR B 452 -1.00 -4.08 -14.62
CA TYR B 452 -1.70 -2.90 -15.10
C TYR B 452 -3.03 -3.27 -15.75
N LEU B 453 -3.00 -4.34 -16.53
CA LEU B 453 -4.20 -4.85 -17.19
C LEU B 453 -5.30 -5.11 -16.17
N SER B 454 -4.94 -5.75 -15.07
CA SER B 454 -5.89 -6.10 -14.01
C SER B 454 -6.47 -4.84 -13.37
N VAL B 455 -5.74 -3.74 -13.49
CA VAL B 455 -6.19 -2.46 -12.94
C VAL B 455 -7.19 -1.80 -13.88
N VAL B 456 -6.89 -1.86 -15.18
CA VAL B 456 -7.78 -1.32 -16.19
C VAL B 456 -9.15 -1.98 -16.12
N LEU B 457 -9.17 -3.26 -15.75
CA LEU B 457 -10.41 -4.01 -15.66
C LEU B 457 -11.23 -3.60 -14.44
N ASN B 458 -10.57 -3.07 -13.42
CA ASN B 458 -11.27 -2.57 -12.24
C ASN B 458 -12.00 -1.28 -12.58
N GLN B 459 -11.38 -0.45 -13.42
CA GLN B 459 -12.00 0.76 -13.92
C GLN B 459 -13.26 0.38 -14.69
N LEU B 460 -13.28 -0.82 -15.22
CA LEU B 460 -14.40 -1.33 -15.98
C LEU B 460 -15.47 -1.90 -15.06
N CYS B 461 -15.04 -2.60 -14.01
CA CYS B 461 -15.96 -3.23 -13.07
C CYS B 461 -16.74 -2.21 -12.25
N VAL B 462 -16.10 -1.10 -11.92
CA VAL B 462 -16.73 -0.08 -11.09
C VAL B 462 -17.70 0.79 -11.88
N LEU B 463 -17.31 1.18 -13.09
CA LEU B 463 -18.14 2.02 -13.93
C LEU B 463 -19.45 1.32 -14.30
N HIS B 464 -19.37 0.02 -14.53
CA HIS B 464 -20.54 -0.77 -14.94
C HIS B 464 -21.48 -1.05 -13.76
N GLU B 465 -20.93 -1.04 -12.55
CA GLU B 465 -21.70 -1.33 -11.36
C GLU B 465 -22.74 -0.25 -11.09
N LYS B 466 -22.47 0.97 -11.53
CA LYS B 466 -23.40 2.08 -11.34
C LYS B 466 -24.65 1.89 -12.20
N THR B 467 -24.43 1.57 -13.48
CA THR B 467 -25.53 1.31 -14.41
C THR B 467 -25.46 -0.12 -14.93
N PRO B 468 -26.04 -1.07 -14.19
CA PRO B 468 -26.00 -2.50 -14.51
C PRO B 468 -26.77 -2.82 -15.80
N VAL B 469 -26.13 -3.56 -16.70
CA VAL B 469 -26.77 -3.96 -17.95
C VAL B 469 -26.40 -5.39 -18.34
N SER B 470 -25.33 -5.90 -17.72
CA SER B 470 -24.85 -7.24 -18.04
C SER B 470 -24.65 -8.07 -16.77
N ASP B 471 -24.86 -9.37 -16.88
CA ASP B 471 -24.74 -10.27 -15.74
C ASP B 471 -23.44 -11.07 -15.79
N ARG B 472 -22.76 -11.01 -16.94
CA ARG B 472 -21.54 -11.78 -17.13
C ARG B 472 -20.30 -11.07 -16.57
N VAL B 473 -20.24 -9.75 -16.77
CA VAL B 473 -19.10 -8.96 -16.32
C VAL B 473 -19.11 -8.79 -14.79
N THR B 474 -20.30 -8.61 -14.23
CA THR B 474 -20.44 -8.40 -12.80
C THR B 474 -20.02 -9.62 -12.00
N LYS B 475 -20.12 -10.80 -12.62
CA LYS B 475 -19.74 -12.04 -11.96
C LYS B 475 -18.24 -12.09 -11.71
N CYS B 476 -17.47 -11.46 -12.60
CA CYS B 476 -16.02 -11.44 -12.47
C CYS B 476 -15.62 -10.59 -11.27
N CYS B 477 -16.29 -9.45 -11.11
CA CYS B 477 -15.98 -8.53 -10.03
C CYS B 477 -16.36 -9.11 -8.67
N SER B 480 -13.15 -12.50 -7.62
CA SER B 480 -11.75 -12.68 -7.26
C SER B 480 -10.86 -11.69 -8.00
N LEU B 481 -10.07 -10.94 -7.25
CA LEU B 481 -9.17 -9.95 -7.83
C LEU B 481 -7.98 -10.61 -8.51
N VAL B 482 -7.77 -11.88 -8.21
CA VAL B 482 -6.64 -12.63 -8.75
C VAL B 482 -6.98 -13.25 -10.09
N ASN B 483 -8.20 -13.80 -10.18
CA ASN B 483 -8.65 -14.46 -11.40
C ASN B 483 -9.47 -13.56 -12.30
N ARG B 484 -9.40 -12.25 -12.06
CA ARG B 484 -10.17 -11.30 -12.86
C ARG B 484 -9.77 -11.31 -14.32
N ARG B 485 -8.52 -11.68 -14.61
CA ARG B 485 -8.06 -11.71 -15.99
C ARG B 485 -8.55 -12.96 -16.72
N PRO B 486 -8.24 -14.15 -16.16
CA PRO B 486 -8.72 -15.39 -16.78
C PRO B 486 -10.24 -15.40 -16.93
N CYS B 487 -10.92 -14.56 -16.17
CA CYS B 487 -12.38 -14.48 -16.25
C CYS B 487 -12.85 -13.83 -17.55
N PHE B 488 -12.36 -12.61 -17.81
CA PHE B 488 -12.75 -11.87 -19.00
C PHE B 488 -11.94 -12.31 -20.23
N SER B 489 -10.75 -12.82 -19.98
CA SER B 489 -9.85 -13.21 -21.07
C SER B 489 -10.30 -14.48 -21.76
N ALA B 490 -11.08 -15.30 -21.06
CA ALA B 490 -11.53 -16.58 -21.60
C ALA B 490 -12.90 -16.47 -22.27
N LEU B 491 -13.76 -15.63 -21.73
CA LEU B 491 -15.13 -15.47 -22.22
C LEU B 491 -15.20 -15.36 -23.74
N GLU B 492 -16.11 -16.12 -24.34
CA GLU B 492 -16.23 -16.16 -25.79
C GLU B 492 -17.51 -15.48 -26.26
#